data_8H7Y
#
_entry.id   8H7Y
#
_cell.length_a   106.437
_cell.length_b   106.437
_cell.length_c   145.016
_cell.angle_alpha   90.00
_cell.angle_beta   90.00
_cell.angle_gamma   90.00
#
_symmetry.space_group_name_H-M   'P 41 21 2'
#
loop_
_entity.id
_entity.type
_entity.pdbx_description
1 polymer 'Phytanoyl-CoA dioxygenase'
2 non-polymer 'FE (III) ION'
3 non-polymer '2-OXOGLUTARIC ACID'
4 non-polymer PROLINE
5 water water
#
_entity_poly.entity_id   1
_entity_poly.type   'polypeptide(L)'
_entity_poly.pdbx_seq_one_letter_code
;QIMEPHDTLSPAQVDEYRKNGFLVQEHVFDEEEIELLRAEAAQEFASGGERVTVEQNTGIVRGVHGCHLYSEVFGRLVRS
PRLLPIARQLLRDDVYVHQFKINAKRAFKGEVWEWHQDYTFWHHEDGMPAPRALSAAIFLDEVTEFNGPLTFVPGGHGSG
MIDADVKGEGWANTLTASLKYSLDVETMRGLIERNGMVAPKGPRGSVLWFDANIPHSSVPNISPFDRGLVLITYNSVENK
TDVTRGTRPEWLAARDFTPLTALQATSF
;
_entity_poly.pdbx_strand_id   A,B
#
loop_
_chem_comp.id
_chem_comp.type
_chem_comp.name
_chem_comp.formula
AKG non-polymer '2-OXOGLUTARIC ACID' 'C5 H6 O5'
FE non-polymer 'FE (III) ION' 'Fe 3'
#
# COMPACT_ATOMS: atom_id res chain seq x y z
N GLN A 1 -14.38 15.52 0.82
CA GLN A 1 -15.14 14.35 0.32
C GLN A 1 -14.43 13.11 0.86
N ILE A 2 -15.02 11.91 0.66
CA ILE A 2 -14.54 10.70 1.33
C ILE A 2 -14.57 9.48 0.39
N MET A 3 -13.40 8.85 0.22
CA MET A 3 -13.33 7.45 -0.23
C MET A 3 -13.44 6.55 0.99
N GLU A 4 -13.98 5.34 0.80
CA GLU A 4 -14.07 4.37 1.88
C GLU A 4 -12.65 3.87 2.18
N PRO A 5 -12.24 3.81 3.47
CA PRO A 5 -10.89 3.37 3.82
C PRO A 5 -10.50 2.09 3.07
N HIS A 6 -9.21 1.96 2.71
CA HIS A 6 -8.74 0.79 2.01
C HIS A 6 -9.10 -0.47 2.80
N ASP A 7 -9.71 -1.46 2.13
CA ASP A 7 -9.96 -2.77 2.71
C ASP A 7 -8.93 -3.74 2.15
N THR A 8 -8.47 -4.65 3.00
CA THR A 8 -7.55 -5.69 2.57
C THR A 8 -8.16 -7.05 2.88
N LEU A 9 -7.51 -8.09 2.39
CA LEU A 9 -7.97 -9.44 2.63
C LEU A 9 -7.63 -9.85 4.06
N SER A 10 -8.48 -10.69 4.65
CA SER A 10 -8.19 -11.31 5.94
C SER A 10 -7.07 -12.32 5.81
N PRO A 11 -6.38 -12.70 6.92
CA PRO A 11 -5.39 -13.77 6.89
C PRO A 11 -5.92 -15.06 6.26
N ALA A 12 -7.20 -15.37 6.53
CA ALA A 12 -7.85 -16.57 6.00
C ALA A 12 -7.97 -16.48 4.48
N GLN A 13 -8.38 -15.31 4.00
CA GLN A 13 -8.52 -15.05 2.58
C GLN A 13 -7.16 -15.12 1.89
N VAL A 14 -6.13 -14.56 2.51
CA VAL A 14 -4.79 -14.60 1.95
C VAL A 14 -4.32 -16.06 1.86
N ASP A 15 -4.54 -16.83 2.93
CA ASP A 15 -4.14 -18.23 2.98
C ASP A 15 -4.82 -19.01 1.85
N GLU A 16 -6.12 -18.77 1.69
CA GLU A 16 -6.92 -19.44 0.67
C GLU A 16 -6.39 -19.09 -0.71
N TYR A 17 -6.06 -17.80 -0.94
CA TYR A 17 -5.47 -17.37 -2.19
C TYR A 17 -4.13 -18.09 -2.45
N ARG A 18 -3.26 -18.20 -1.45
CA ARG A 18 -1.95 -18.78 -1.71
C ARG A 18 -2.07 -20.30 -1.95
N LYS A 19 -2.97 -20.95 -1.22
CA LYS A 19 -3.17 -22.38 -1.32
C LYS A 19 -3.80 -22.74 -2.66
N ASN A 20 -4.92 -22.09 -2.99
CA ASN A 20 -5.71 -22.46 -4.16
C ASN A 20 -5.20 -21.76 -5.42
N GLY A 21 -4.60 -20.58 -5.26
CA GLY A 21 -4.14 -19.80 -6.42
C GLY A 21 -5.23 -18.88 -7.00
N PHE A 22 -6.40 -18.86 -6.36
CA PHE A 22 -7.48 -17.95 -6.72
C PHE A 22 -8.40 -17.72 -5.53
N LEU A 23 -9.22 -16.66 -5.62
CA LEU A 23 -10.12 -16.23 -4.57
C LEU A 23 -11.19 -15.31 -5.17
N VAL A 24 -12.46 -15.48 -4.76
CA VAL A 24 -13.55 -14.64 -5.21
C VAL A 24 -13.97 -13.71 -4.07
N GLN A 25 -14.11 -12.42 -4.39
CA GLN A 25 -14.81 -11.49 -3.53
C GLN A 25 -16.12 -11.11 -4.20
N GLU A 26 -17.24 -11.36 -3.54
CA GLU A 26 -18.53 -11.09 -4.18
C GLU A 26 -18.90 -9.63 -4.03
N HIS A 27 -19.62 -9.10 -5.02
CA HIS A 27 -20.30 -7.81 -4.89
C HIS A 27 -19.33 -6.69 -4.53
N VAL A 28 -18.19 -6.60 -5.23
CA VAL A 28 -17.25 -5.51 -4.96
C VAL A 28 -17.79 -4.21 -5.56
N PHE A 29 -18.39 -4.31 -6.75
CA PHE A 29 -18.94 -3.19 -7.47
C PHE A 29 -20.45 -3.36 -7.55
N ASP A 30 -21.20 -2.26 -7.50
CA ASP A 30 -22.65 -2.31 -7.63
C ASP A 30 -23.04 -2.27 -9.10
N GLU A 31 -24.35 -2.40 -9.35
CA GLU A 31 -24.90 -2.55 -10.70
C GLU A 31 -24.64 -1.31 -11.52
N GLU A 32 -24.71 -0.13 -10.89
CA GLU A 32 -24.55 1.13 -11.61
C GLU A 32 -23.10 1.23 -12.04
N GLU A 33 -22.18 0.85 -11.14
CA GLU A 33 -20.75 0.83 -11.46
C GLU A 33 -20.44 -0.15 -12.58
N ILE A 34 -21.01 -1.36 -12.50
CA ILE A 34 -20.84 -2.33 -13.54
C ILE A 34 -21.42 -1.82 -14.86
N GLU A 35 -22.58 -1.14 -14.85
CA GLU A 35 -23.12 -0.65 -16.10
C GLU A 35 -22.16 0.38 -16.71
N LEU A 36 -21.50 1.22 -15.89
CA LEU A 36 -20.59 2.22 -16.44
C LEU A 36 -19.41 1.53 -17.10
N LEU A 37 -18.87 0.50 -16.44
CA LEU A 37 -17.77 -0.29 -16.99
C LEU A 37 -18.19 -1.01 -18.26
N ARG A 38 -19.44 -1.51 -18.29
N ARG A 38 -19.44 -1.51 -18.29
CA ARG A 38 -19.92 -2.20 -19.48
CA ARG A 38 -19.91 -2.20 -19.48
C ARG A 38 -19.99 -1.22 -20.65
C ARG A 38 -19.99 -1.22 -20.65
N ALA A 39 -20.49 0.01 -20.42
CA ALA A 39 -20.62 0.99 -21.49
C ALA A 39 -19.25 1.37 -22.02
N GLU A 40 -18.28 1.54 -21.11
CA GLU A 40 -16.93 1.89 -21.51
C GLU A 40 -16.27 0.75 -22.28
N ALA A 41 -16.53 -0.50 -21.85
CA ALA A 41 -16.05 -1.67 -22.57
C ALA A 41 -16.57 -1.65 -24.01
N ALA A 42 -17.87 -1.35 -24.20
CA ALA A 42 -18.47 -1.30 -25.53
C ALA A 42 -17.75 -0.27 -26.39
N GLN A 43 -17.47 0.91 -25.82
CA GLN A 43 -16.74 1.96 -26.55
C GLN A 43 -15.37 1.46 -27.00
N GLU A 44 -14.69 0.78 -26.09
CA GLU A 44 -13.36 0.27 -26.38
C GLU A 44 -13.41 -0.77 -27.49
N PHE A 45 -14.47 -1.58 -27.54
CA PHE A 45 -14.58 -2.59 -28.60
C PHE A 45 -14.78 -1.90 -29.95
N ALA A 46 -15.52 -0.78 -29.93
CA ALA A 46 -15.90 -0.05 -31.13
C ALA A 46 -14.72 0.76 -31.66
N SER A 47 -13.90 1.31 -30.75
CA SER A 47 -12.89 2.29 -31.14
C SER A 47 -11.46 1.76 -31.00
N GLY A 48 -11.28 0.50 -30.60
CA GLY A 48 -9.96 -0.01 -30.23
C GLY A 48 -9.06 -0.40 -31.40
N GLY A 49 -9.61 -0.48 -32.61
CA GLY A 49 -8.80 -0.75 -33.81
C GLY A 49 -7.95 -2.02 -33.68
N GLU A 50 -6.63 -1.86 -33.78
CA GLU A 50 -5.68 -2.97 -33.76
C GLU A 50 -5.61 -3.65 -32.40
N ARG A 51 -6.12 -3.00 -31.34
CA ARG A 51 -6.10 -3.55 -30.00
C ARG A 51 -7.25 -4.55 -29.78
N VAL A 52 -8.16 -4.67 -30.76
CA VAL A 52 -9.34 -5.51 -30.66
C VAL A 52 -9.03 -6.85 -31.33
N THR A 53 -9.44 -7.95 -30.69
CA THR A 53 -9.44 -9.30 -31.25
C THR A 53 -10.88 -9.71 -31.62
N VAL A 54 -11.03 -10.60 -32.60
CA VAL A 54 -12.34 -11.08 -33.02
C VAL A 54 -12.35 -12.61 -33.03
N GLU A 55 -13.54 -13.20 -32.87
CA GLU A 55 -13.69 -14.65 -32.91
C GLU A 55 -13.56 -15.14 -34.35
N ASN A 57 -14.32 -17.75 -36.38
CA ASN A 57 -15.52 -18.39 -37.02
C ASN A 57 -16.56 -17.34 -37.41
N THR A 58 -16.80 -16.36 -36.53
CA THR A 58 -17.94 -15.46 -36.67
C THR A 58 -17.51 -14.02 -36.94
N GLY A 59 -16.26 -13.66 -36.65
CA GLY A 59 -15.77 -12.30 -36.75
C GLY A 59 -16.34 -11.41 -35.64
N ILE A 60 -16.93 -12.04 -34.62
CA ILE A 60 -17.56 -11.38 -33.50
C ILE A 60 -16.45 -10.95 -32.54
N VAL A 61 -16.63 -9.77 -31.94
CA VAL A 61 -15.60 -9.19 -31.08
C VAL A 61 -15.34 -10.18 -29.94
N ARG A 62 -14.05 -10.45 -29.67
CA ARG A 62 -13.67 -11.42 -28.65
C ARG A 62 -12.98 -10.75 -27.47
N GLY A 63 -12.10 -9.76 -27.75
CA GLY A 63 -11.25 -9.17 -26.72
C GLY A 63 -10.72 -7.79 -27.13
N VAL A 64 -10.45 -6.93 -26.15
CA VAL A 64 -9.77 -5.67 -26.39
C VAL A 64 -8.74 -5.46 -25.29
N HIS A 65 -7.61 -4.84 -25.64
CA HIS A 65 -6.40 -4.89 -24.83
C HIS A 65 -5.81 -3.50 -24.56
N GLY A 66 -5.29 -3.32 -23.34
CA GLY A 66 -4.54 -2.12 -22.99
C GLY A 66 -5.41 -0.89 -22.74
N CYS A 67 -6.69 -1.10 -22.43
CA CYS A 67 -7.66 -0.01 -22.34
C CYS A 67 -7.32 1.01 -21.26
N HIS A 68 -6.57 0.61 -20.21
CA HIS A 68 -6.23 1.53 -19.14
C HIS A 68 -5.31 2.65 -19.65
N LEU A 69 -4.64 2.45 -20.79
CA LEU A 69 -3.76 3.45 -21.38
C LEU A 69 -4.56 4.44 -22.23
N TYR A 70 -5.80 4.11 -22.61
CA TYR A 70 -6.54 4.89 -23.58
C TYR A 70 -7.84 5.45 -22.99
N SER A 71 -8.38 4.85 -21.93
CA SER A 71 -9.65 5.24 -21.38
C SER A 71 -9.43 5.85 -20.00
N GLU A 72 -10.03 7.00 -19.73
CA GLU A 72 -9.85 7.63 -18.44
C GLU A 72 -10.57 6.80 -17.37
N VAL A 73 -11.71 6.23 -17.74
CA VAL A 73 -12.46 5.37 -16.84
C VAL A 73 -11.58 4.18 -16.45
N PHE A 74 -10.96 3.50 -17.42
CA PHE A 74 -10.23 2.29 -17.10
C PHE A 74 -8.92 2.65 -16.41
N GLY A 75 -8.35 3.81 -16.73
CA GLY A 75 -7.14 4.30 -16.06
C GLY A 75 -7.39 4.53 -14.56
N ARG A 76 -8.61 4.99 -14.23
CA ARG A 76 -9.03 5.17 -12.84
C ARG A 76 -9.34 3.82 -12.18
N LEU A 77 -9.98 2.91 -12.91
CA LEU A 77 -10.38 1.63 -12.33
C LEU A 77 -9.17 0.91 -11.72
N VAL A 78 -8.01 0.92 -12.40
CA VAL A 78 -6.88 0.12 -11.95
C VAL A 78 -6.29 0.70 -10.67
N ARG A 79 -6.64 1.96 -10.36
CA ARG A 79 -6.23 2.67 -9.16
C ARG A 79 -7.31 2.60 -8.08
N SER A 80 -8.38 1.84 -8.32
CA SER A 80 -9.52 1.81 -7.41
C SER A 80 -9.09 1.36 -6.02
N PRO A 81 -9.61 2.00 -4.95
CA PRO A 81 -9.43 1.52 -3.58
C PRO A 81 -10.02 0.15 -3.30
N ARG A 82 -10.84 -0.36 -4.20
CA ARG A 82 -11.36 -1.71 -4.09
C ARG A 82 -10.38 -2.72 -4.68
N LEU A 83 -9.35 -2.27 -5.41
CA LEU A 83 -8.45 -3.20 -6.10
C LEU A 83 -7.00 -3.05 -5.65
N LEU A 84 -6.47 -1.83 -5.76
CA LEU A 84 -5.05 -1.59 -5.64
C LEU A 84 -4.51 -2.06 -4.29
N PRO A 85 -5.18 -1.80 -3.16
CA PRO A 85 -4.66 -2.22 -1.86
C PRO A 85 -4.50 -3.73 -1.75
N ILE A 86 -5.39 -4.48 -2.38
CA ILE A 86 -5.32 -5.93 -2.32
C ILE A 86 -4.18 -6.43 -3.21
N ALA A 87 -4.00 -5.84 -4.39
CA ALA A 87 -2.88 -6.21 -5.24
C ALA A 87 -1.54 -5.98 -4.52
N ARG A 88 -1.42 -4.84 -3.83
CA ARG A 88 -0.22 -4.51 -3.06
C ARG A 88 0.00 -5.51 -1.93
N GLN A 89 -1.08 -5.84 -1.21
CA GLN A 89 -1.03 -6.83 -0.13
C GLN A 89 -0.53 -8.18 -0.65
N LEU A 90 -1.16 -8.70 -1.71
CA LEU A 90 -0.86 -10.04 -2.19
C LEU A 90 0.54 -10.13 -2.79
N LEU A 91 0.97 -9.10 -3.52
CA LEU A 91 2.29 -9.12 -4.14
C LEU A 91 3.36 -8.56 -3.21
N ARG A 92 2.95 -8.01 -2.06
CA ARG A 92 3.85 -7.50 -1.02
C ARG A 92 4.81 -6.48 -1.63
N ASP A 93 4.25 -5.57 -2.41
CA ASP A 93 5.07 -4.57 -3.08
C ASP A 93 4.16 -3.46 -3.54
N ASP A 94 4.75 -2.36 -4.00
CA ASP A 94 4.06 -1.49 -4.93
C ASP A 94 3.87 -2.25 -6.24
N VAL A 95 2.84 -1.82 -6.98
CA VAL A 95 2.41 -2.53 -8.17
C VAL A 95 2.10 -1.57 -9.32
N TYR A 96 2.07 -2.15 -10.53
CA TYR A 96 1.70 -1.47 -11.75
C TYR A 96 0.92 -2.48 -12.61
N VAL A 97 0.29 -2.00 -13.67
CA VAL A 97 -0.46 -2.88 -14.54
C VAL A 97 0.43 -3.42 -15.66
N HIS A 98 0.63 -4.73 -15.73
CA HIS A 98 1.38 -5.33 -16.83
C HIS A 98 0.49 -5.43 -18.06
N GLN A 99 -0.77 -5.81 -17.87
CA GLN A 99 -1.68 -6.09 -18.96
C GLN A 99 -3.11 -5.83 -18.51
N PHE A 100 -3.94 -5.39 -19.44
CA PHE A 100 -5.35 -5.12 -19.22
C PHE A 100 -6.11 -5.71 -20.42
N LYS A 101 -7.15 -6.51 -20.17
CA LYS A 101 -7.99 -6.95 -21.27
C LYS A 101 -9.43 -7.15 -20.82
N ILE A 102 -10.33 -6.94 -21.79
CA ILE A 102 -11.75 -7.26 -21.66
C ILE A 102 -12.05 -8.43 -22.60
N ASN A 103 -12.40 -9.59 -22.01
CA ASN A 103 -12.81 -10.76 -22.77
C ASN A 103 -14.33 -10.87 -22.73
N ALA A 104 -14.95 -10.67 -23.91
CA ALA A 104 -16.36 -10.92 -24.14
C ALA A 104 -16.52 -12.40 -24.36
N LYS A 105 -17.61 -12.93 -23.83
CA LYS A 105 -18.00 -14.31 -24.11
C LYS A 105 -19.50 -14.25 -24.27
N ARG A 106 -19.94 -13.93 -25.50
CA ARG A 106 -21.34 -13.57 -25.76
C ARG A 106 -22.25 -14.77 -25.50
N ALA A 107 -23.51 -14.49 -25.11
CA ALA A 107 -24.55 -15.51 -25.02
C ALA A 107 -24.53 -16.40 -26.25
N PHE A 108 -24.60 -17.73 -26.04
CA PHE A 108 -24.60 -18.70 -27.14
C PHE A 108 -23.37 -18.65 -28.06
N LYS A 109 -22.31 -17.88 -27.79
CA LYS A 109 -21.38 -17.54 -28.87
C LYS A 109 -19.90 -17.87 -28.63
N GLY A 110 -19.46 -18.09 -27.39
CA GLY A 110 -18.04 -17.96 -27.06
C GLY A 110 -17.16 -19.05 -27.69
N GLU A 111 -15.84 -19.00 -27.44
CA GLU A 111 -14.90 -20.04 -27.88
C GLU A 111 -14.19 -20.70 -26.69
N VAL A 112 -13.43 -21.77 -26.98
CA VAL A 112 -12.71 -22.57 -26.00
C VAL A 112 -11.29 -22.04 -25.85
N TRP A 113 -10.99 -21.46 -24.67
CA TRP A 113 -9.63 -21.08 -24.29
C TRP A 113 -8.92 -22.29 -23.69
N GLU A 114 -7.87 -22.76 -24.40
CA GLU A 114 -7.12 -23.95 -24.03
C GLU A 114 -6.42 -23.71 -22.70
N TRP A 115 -6.09 -24.83 -22.04
CA TRP A 115 -5.36 -24.84 -20.78
C TRP A 115 -4.04 -24.09 -20.91
N HIS A 116 -3.77 -23.18 -19.97
CA HIS A 116 -2.54 -22.40 -20.01
C HIS A 116 -2.26 -21.78 -18.65
N GLN A 117 -1.00 -21.36 -18.48
CA GLN A 117 -0.55 -20.50 -17.40
C GLN A 117 -0.18 -19.16 -18.04
N ASP A 118 -0.70 -18.06 -17.48
CA ASP A 118 -0.46 -16.75 -18.06
C ASP A 118 1.03 -16.39 -17.97
N TYR A 119 1.70 -16.80 -16.88
CA TYR A 119 3.10 -16.43 -16.65
C TYR A 119 3.97 -16.94 -17.79
N THR A 120 3.63 -18.09 -18.35
CA THR A 120 4.43 -18.69 -19.41
C THR A 120 4.56 -17.69 -20.57
N PHE A 121 3.48 -17.00 -20.89
CA PHE A 121 3.51 -15.98 -21.94
C PHE A 121 4.30 -14.76 -21.49
N TRP A 122 4.05 -14.31 -20.27
CA TRP A 122 4.66 -13.09 -19.77
C TRP A 122 6.16 -13.28 -19.61
N HIS A 123 6.57 -14.46 -19.12
CA HIS A 123 8.00 -14.78 -19.01
C HIS A 123 8.64 -14.79 -20.40
N HIS A 124 8.13 -15.64 -21.32
CA HIS A 124 8.83 -15.87 -22.58
C HIS A 124 8.62 -14.74 -23.58
N GLU A 125 7.46 -14.08 -23.58
CA GLU A 125 7.19 -13.02 -24.56
C GLU A 125 7.63 -11.65 -24.04
N ASP A 126 7.52 -11.44 -22.72
CA ASP A 126 7.59 -10.09 -22.19
C ASP A 126 8.80 -9.89 -21.28
N GLY A 127 9.45 -10.98 -20.85
CA GLY A 127 10.64 -10.90 -20.02
C GLY A 127 10.32 -10.71 -18.54
N MET A 128 9.17 -11.21 -18.09
CA MET A 128 8.83 -11.16 -16.68
C MET A 128 9.68 -12.21 -15.98
N PRO A 129 10.56 -11.80 -15.02
CA PRO A 129 11.56 -12.72 -14.48
C PRO A 129 11.01 -13.74 -13.49
N ALA A 130 9.95 -13.40 -12.77
CA ALA A 130 9.37 -14.34 -11.82
C ALA A 130 7.85 -14.21 -11.88
N PRO A 131 7.09 -15.20 -11.35
CA PRO A 131 5.64 -15.13 -11.36
C PRO A 131 5.03 -14.33 -10.20
N ARG A 132 5.58 -13.14 -9.91
CA ARG A 132 5.12 -12.33 -8.78
C ARG A 132 4.11 -11.32 -9.33
N ALA A 133 3.00 -11.87 -9.78
CA ALA A 133 1.97 -11.12 -10.48
C ALA A 133 0.64 -11.84 -10.29
N LEU A 134 -0.46 -11.13 -10.56
CA LEU A 134 -1.78 -11.70 -10.40
C LEU A 134 -2.76 -10.95 -11.28
N SER A 135 -3.93 -11.55 -11.47
CA SER A 135 -4.95 -10.94 -12.28
C SER A 135 -6.21 -10.80 -11.44
N ALA A 136 -6.88 -9.65 -11.63
CA ALA A 136 -8.20 -9.40 -11.06
C ALA A 136 -9.21 -9.42 -12.19
N ALA A 137 -10.15 -10.35 -12.12
CA ALA A 137 -11.22 -10.44 -13.13
C ALA A 137 -12.51 -9.93 -12.53
N ILE A 138 -13.03 -8.83 -13.10
CA ILE A 138 -14.27 -8.22 -12.66
C ILE A 138 -15.40 -8.82 -13.50
N PHE A 139 -16.40 -9.37 -12.80
CA PHE A 139 -17.57 -9.96 -13.45
C PHE A 139 -18.55 -8.85 -13.86
N LEU A 140 -18.68 -8.62 -15.17
CA LEU A 140 -19.65 -7.67 -15.69
C LEU A 140 -21.03 -8.30 -15.71
N ASP A 141 -21.05 -9.64 -15.60
CA ASP A 141 -22.27 -10.44 -15.59
C ASP A 141 -22.10 -11.54 -14.56
N GLU A 142 -23.21 -12.05 -14.05
CA GLU A 142 -23.15 -13.23 -13.21
C GLU A 142 -22.37 -14.32 -13.94
N VAL A 143 -21.47 -14.98 -13.22
CA VAL A 143 -20.74 -16.12 -13.75
C VAL A 143 -21.34 -17.40 -13.17
N THR A 144 -21.73 -18.32 -14.07
CA THR A 144 -22.47 -19.53 -13.71
C THR A 144 -21.71 -20.73 -14.28
N GLU A 145 -22.29 -21.91 -14.05
CA GLU A 145 -21.84 -23.16 -14.63
C GLU A 145 -21.85 -23.12 -16.17
N PHE A 146 -22.76 -22.35 -16.77
CA PHE A 146 -23.17 -22.58 -18.16
C PHE A 146 -22.75 -21.45 -19.10
N ASN A 147 -22.07 -20.40 -18.61
CA ASN A 147 -21.70 -19.29 -19.49
C ASN A 147 -20.18 -19.19 -19.62
N GLY A 148 -19.51 -20.34 -19.59
CA GLY A 148 -18.11 -20.41 -19.92
C GLY A 148 -17.22 -19.82 -18.84
N PRO A 149 -17.36 -20.21 -17.56
CA PRO A 149 -16.56 -19.65 -16.48
C PRO A 149 -15.08 -20.04 -16.63
N LEU A 150 -14.21 -19.15 -16.16
CA LEU A 150 -12.82 -19.51 -15.92
C LEU A 150 -12.78 -20.72 -14.99
N THR A 151 -11.98 -21.70 -15.42
CA THR A 151 -11.83 -22.96 -14.70
C THR A 151 -10.36 -23.20 -14.40
N PHE A 152 -10.08 -23.56 -13.13
CA PHE A 152 -8.71 -23.65 -12.63
C PHE A 152 -8.41 -25.06 -12.15
N VAL A 153 -7.11 -25.37 -12.09
CA VAL A 153 -6.61 -26.47 -11.27
C VAL A 153 -6.15 -25.87 -9.95
N PRO A 154 -6.87 -26.09 -8.83
CA PRO A 154 -6.50 -25.51 -7.53
C PRO A 154 -5.15 -26.05 -7.08
N GLY A 155 -4.27 -25.16 -6.61
CA GLY A 155 -2.94 -25.54 -6.19
C GLY A 155 -2.01 -25.81 -7.36
N GLY A 156 -2.48 -25.57 -8.58
CA GLY A 156 -1.76 -25.94 -9.78
C GLY A 156 -0.60 -25.00 -10.08
N HIS A 157 -0.52 -23.91 -9.30
CA HIS A 157 0.51 -22.88 -9.46
C HIS A 157 1.75 -23.27 -8.67
N GLY A 158 1.66 -24.28 -7.81
CA GLY A 158 2.67 -24.58 -6.80
C GLY A 158 3.90 -25.27 -7.39
N SER A 159 3.82 -25.77 -8.63
CA SER A 159 4.96 -26.40 -9.29
C SER A 159 5.76 -25.38 -10.11
N GLY A 160 5.17 -24.20 -10.35
CA GLY A 160 5.81 -23.19 -11.18
C GLY A 160 5.47 -23.38 -12.66
N MET A 161 6.26 -22.73 -13.52
CA MET A 161 6.06 -22.80 -14.96
C MET A 161 6.16 -24.24 -15.44
N ILE A 162 5.20 -24.65 -16.27
CA ILE A 162 5.13 -26.03 -16.73
C ILE A 162 5.49 -26.07 -18.21
N ASP A 163 6.17 -27.15 -18.62
CA ASP A 163 6.61 -27.31 -20.00
C ASP A 163 5.38 -27.27 -20.90
N ALA A 164 5.49 -26.52 -22.01
CA ALA A 164 4.38 -26.23 -22.91
C ALA A 164 4.83 -26.35 -24.36
N ASP A 165 3.94 -26.81 -25.23
CA ASP A 165 4.19 -26.82 -26.66
C ASP A 165 4.16 -25.38 -27.17
N VAL A 166 5.18 -25.01 -27.95
CA VAL A 166 5.20 -23.73 -28.63
C VAL A 166 4.68 -23.96 -30.05
N LYS A 167 3.92 -23.00 -30.56
CA LYS A 167 3.31 -23.09 -31.88
C LYS A 167 3.45 -21.71 -32.54
N GLY A 168 4.40 -21.61 -33.47
CA GLY A 168 4.56 -20.43 -34.31
C GLY A 168 5.32 -19.31 -33.60
N GLU A 169 6.15 -18.60 -34.37
CA GLU A 169 6.79 -17.37 -33.93
C GLU A 169 5.74 -16.25 -33.98
N GLY A 170 6.15 -15.04 -33.58
CA GLY A 170 5.25 -13.91 -33.50
C GLY A 170 4.37 -13.99 -32.25
N TRP A 171 3.46 -13.03 -32.09
CA TRP A 171 2.61 -12.97 -30.91
C TRP A 171 1.11 -12.97 -31.25
N ALA A 172 0.75 -12.97 -32.55
CA ALA A 172 -0.66 -12.96 -32.95
C ALA A 172 -1.46 -14.02 -32.20
N ASN A 173 -0.86 -15.22 -32.05
CA ASN A 173 -1.52 -16.40 -31.46
C ASN A 173 -1.37 -16.46 -29.93
N THR A 174 -1.02 -15.32 -29.28
CA THR A 174 -1.08 -15.22 -27.83
C THR A 174 -2.48 -14.82 -27.34
N LEU A 175 -3.32 -14.33 -28.27
CA LEU A 175 -4.63 -13.79 -27.94
C LEU A 175 -5.76 -14.64 -28.54
N THR A 176 -5.42 -15.79 -29.16
CA THR A 176 -6.37 -16.56 -29.95
C THR A 176 -6.80 -17.84 -29.22
N ALA A 177 -7.97 -18.38 -29.63
CA ALA A 177 -8.54 -19.60 -29.07
C ALA A 177 -7.48 -20.71 -29.03
N SER A 178 -6.72 -20.80 -30.14
CA SER A 178 -5.59 -21.68 -30.28
C SER A 178 -4.30 -20.95 -29.87
N LEU A 179 -3.75 -21.36 -28.70
CA LEU A 179 -2.77 -20.56 -27.97
C LEU A 179 -1.36 -21.02 -28.30
N LYS A 180 -0.43 -20.06 -28.22
CA LYS A 180 0.98 -20.30 -28.52
C LYS A 180 1.58 -21.32 -27.56
N TYR A 181 1.23 -21.23 -26.27
CA TYR A 181 1.72 -22.15 -25.25
C TYR A 181 0.55 -22.87 -24.59
N SER A 182 0.28 -24.09 -25.05
CA SER A 182 -0.73 -24.92 -24.44
C SER A 182 -0.05 -26.11 -23.76
N LEU A 183 -0.78 -26.76 -22.85
CA LEU A 183 -0.18 -27.64 -21.87
C LEU A 183 -0.29 -29.10 -22.34
N ASP A 184 0.84 -29.83 -22.22
CA ASP A 184 0.92 -31.24 -22.56
C ASP A 184 -0.34 -31.96 -22.04
N VAL A 185 -1.10 -32.52 -22.98
CA VAL A 185 -2.25 -33.38 -22.72
C VAL A 185 -2.03 -34.30 -21.53
N GLU A 186 -0.78 -34.77 -21.37
CA GLU A 186 -0.44 -35.74 -20.34
C GLU A 186 -0.13 -35.03 -19.03
N THR A 187 0.57 -33.89 -19.12
CA THR A 187 0.92 -33.10 -17.94
C THR A 187 -0.37 -32.65 -17.24
N MET A 188 -1.40 -32.26 -18.03
CA MET A 188 -2.65 -31.77 -17.48
C MET A 188 -3.39 -32.90 -16.76
N ARG A 189 -3.45 -34.08 -17.39
CA ARG A 189 -4.13 -35.22 -16.83
C ARG A 189 -3.60 -35.46 -15.42
N GLY A 190 -2.28 -35.50 -15.28
CA GLY A 190 -1.67 -35.71 -13.97
C GLY A 190 -2.06 -34.65 -12.96
N LEU A 191 -1.98 -33.38 -13.37
CA LEU A 191 -2.30 -32.24 -12.52
C LEU A 191 -3.73 -32.36 -12.02
N ILE A 192 -4.65 -32.65 -12.94
CA ILE A 192 -6.05 -32.73 -12.63
C ILE A 192 -6.35 -33.97 -11.80
N GLU A 193 -5.67 -35.07 -12.08
CA GLU A 193 -5.82 -36.28 -11.28
C GLU A 193 -5.39 -35.99 -9.84
N ARG A 194 -4.36 -35.15 -9.67
CA ARG A 194 -3.86 -34.84 -8.34
C ARG A 194 -4.72 -33.77 -7.67
N ASN A 195 -5.07 -32.69 -8.37
CA ASN A 195 -5.62 -31.49 -7.73
C ASN A 195 -7.10 -31.24 -8.04
N GLY A 196 -7.61 -31.77 -9.16
CA GLY A 196 -8.99 -31.55 -9.55
C GLY A 196 -9.15 -30.27 -10.36
N MET A 197 -10.41 -29.85 -10.54
CA MET A 197 -10.77 -28.71 -11.37
C MET A 197 -11.89 -27.98 -10.64
N VAL A 198 -11.90 -26.64 -10.73
CA VAL A 198 -12.90 -25.80 -10.07
C VAL A 198 -13.19 -24.59 -10.97
N ALA A 199 -14.48 -24.26 -11.14
CA ALA A 199 -14.91 -23.07 -11.86
C ALA A 199 -15.62 -22.15 -10.88
N PRO A 200 -14.94 -21.15 -10.29
CA PRO A 200 -15.56 -20.24 -9.32
C PRO A 200 -16.73 -19.49 -9.95
N LYS A 201 -17.81 -19.40 -9.19
CA LYS A 201 -19.02 -18.70 -9.62
C LYS A 201 -19.13 -17.42 -8.80
N GLY A 202 -20.02 -16.52 -9.23
CA GLY A 202 -20.34 -15.35 -8.45
C GLY A 202 -21.24 -14.38 -9.19
N PRO A 203 -21.91 -13.49 -8.42
CA PRO A 203 -22.79 -12.50 -9.03
C PRO A 203 -22.00 -11.42 -9.75
N ARG A 204 -22.68 -10.68 -10.62
CA ARG A 204 -22.18 -9.47 -11.24
C ARG A 204 -21.56 -8.59 -10.17
N GLY A 205 -20.45 -7.95 -10.50
CA GLY A 205 -19.79 -7.04 -9.56
C GLY A 205 -18.75 -7.75 -8.68
N SER A 206 -18.64 -9.08 -8.78
CA SER A 206 -17.64 -9.81 -8.05
C SER A 206 -16.27 -9.59 -8.69
N VAL A 207 -15.23 -9.91 -7.92
CA VAL A 207 -13.86 -9.89 -8.39
C VAL A 207 -13.22 -11.24 -8.13
N LEU A 208 -12.66 -11.84 -9.20
CA LEU A 208 -11.91 -13.07 -9.09
C LEU A 208 -10.42 -12.79 -9.19
N TRP A 209 -9.68 -13.05 -8.10
CA TRP A 209 -8.23 -12.86 -8.08
C TRP A 209 -7.59 -14.19 -8.42
N PHE A 210 -6.60 -14.21 -9.30
CA PHE A 210 -5.90 -15.46 -9.56
C PHE A 210 -4.42 -15.24 -9.91
N ASP A 211 -3.61 -16.22 -9.49
CA ASP A 211 -2.17 -16.21 -9.59
C ASP A 211 -1.70 -16.29 -11.04
N ALA A 212 -0.56 -15.65 -11.33
CA ALA A 212 0.04 -15.63 -12.65
C ALA A 212 0.29 -17.04 -13.18
N ASN A 213 0.47 -18.01 -12.29
CA ASN A 213 0.96 -19.33 -12.66
C ASN A 213 -0.10 -20.41 -12.50
N ILE A 214 -1.35 -20.05 -12.16
CA ILE A 214 -2.34 -21.10 -11.97
C ILE A 214 -2.87 -21.53 -13.34
N PRO A 215 -2.98 -22.85 -13.62
CA PRO A 215 -3.51 -23.32 -14.90
C PRO A 215 -5.00 -23.02 -14.99
N HIS A 216 -5.44 -22.49 -16.12
CA HIS A 216 -6.87 -22.19 -16.27
C HIS A 216 -7.28 -22.41 -17.72
N SER A 217 -8.61 -22.51 -17.86
CA SER A 217 -9.28 -22.83 -19.11
C SER A 217 -10.71 -22.30 -19.09
N SER A 218 -11.38 -22.30 -20.25
CA SER A 218 -12.81 -22.00 -20.30
C SER A 218 -13.45 -22.51 -21.59
N VAL A 219 -14.76 -22.75 -21.56
CA VAL A 219 -15.48 -23.32 -22.69
C VAL A 219 -16.46 -22.29 -23.25
N PRO A 220 -17.06 -22.53 -24.43
CA PRO A 220 -18.11 -21.66 -24.96
C PRO A 220 -19.31 -21.47 -24.03
N ASN A 221 -20.02 -20.36 -24.28
CA ASN A 221 -21.19 -19.94 -23.52
C ASN A 221 -22.45 -20.47 -24.22
N ILE A 222 -23.19 -21.34 -23.53
CA ILE A 222 -24.45 -21.89 -24.04
C ILE A 222 -25.65 -21.25 -23.34
N SER A 223 -25.38 -20.35 -22.40
CA SER A 223 -26.45 -19.63 -21.76
C SER A 223 -26.96 -18.56 -22.72
N PRO A 224 -28.17 -18.02 -22.44
CA PRO A 224 -28.66 -16.85 -23.14
C PRO A 224 -28.11 -15.53 -22.59
N PHE A 225 -27.08 -15.60 -21.72
CA PHE A 225 -26.57 -14.45 -21.00
C PHE A 225 -25.07 -14.29 -21.29
N ASP A 226 -24.61 -13.05 -21.48
CA ASP A 226 -23.19 -12.79 -21.71
C ASP A 226 -22.35 -13.07 -20.46
N ARG A 227 -21.03 -13.22 -20.67
CA ARG A 227 -20.06 -13.35 -19.58
C ARG A 227 -18.90 -12.38 -19.84
N GLY A 228 -19.15 -11.08 -19.64
CA GLY A 228 -18.07 -10.11 -19.77
C GLY A 228 -17.13 -10.15 -18.55
N LEU A 229 -15.83 -10.24 -18.81
CA LEU A 229 -14.79 -10.15 -17.77
C LEU A 229 -13.85 -8.99 -18.09
N VAL A 230 -13.60 -8.13 -17.09
CA VAL A 230 -12.51 -7.17 -17.18
C VAL A 230 -11.33 -7.73 -16.37
N LEU A 231 -10.21 -8.03 -17.06
CA LEU A 231 -9.02 -8.64 -16.44
C LEU A 231 -7.88 -7.64 -16.31
N ILE A 232 -7.51 -7.35 -15.06
CA ILE A 232 -6.41 -6.44 -14.77
C ILE A 232 -5.25 -7.24 -14.20
N THR A 233 -4.11 -7.23 -14.89
CA THR A 233 -2.94 -7.97 -14.42
C THR A 233 -2.02 -6.97 -13.73
N TYR A 234 -1.89 -7.13 -12.41
CA TYR A 234 -0.96 -6.36 -11.60
C TYR A 234 0.36 -7.11 -11.46
N ASN A 235 1.47 -6.36 -11.58
CA ASN A 235 2.81 -6.92 -11.40
C ASN A 235 3.53 -6.12 -10.31
N SER A 236 4.29 -6.82 -9.46
CA SER A 236 5.21 -6.21 -8.51
C SER A 236 6.18 -5.30 -9.28
N VAL A 237 6.44 -4.10 -8.75
CA VAL A 237 7.38 -3.16 -9.37
C VAL A 237 8.79 -3.75 -9.35
N GLU A 238 9.18 -4.43 -8.26
CA GLU A 238 10.47 -5.09 -8.20
C GLU A 238 10.58 -6.15 -9.31
N ASN A 239 9.42 -6.74 -9.64
CA ASN A 239 9.31 -7.79 -10.64
C ASN A 239 9.05 -7.20 -12.02
N LYS A 240 9.41 -5.93 -12.23
CA LYS A 240 9.22 -5.32 -13.53
C LYS A 240 9.87 -6.21 -14.59
N THR A 241 9.29 -6.17 -15.79
CA THR A 241 9.76 -6.98 -16.89
C THR A 241 11.01 -6.36 -17.50
N ASP A 242 11.86 -7.23 -18.03
CA ASP A 242 13.08 -6.87 -18.72
C ASP A 242 12.69 -6.46 -20.14
N VAL A 243 12.61 -5.15 -20.34
CA VAL A 243 12.16 -4.54 -21.59
C VAL A 243 13.11 -4.88 -22.74
N THR A 244 14.38 -5.19 -22.41
CA THR A 244 15.34 -5.59 -23.43
C THR A 244 14.96 -6.95 -24.02
N ARG A 245 14.19 -7.79 -23.30
CA ARG A 245 13.75 -9.08 -23.79
C ARG A 245 12.29 -9.03 -24.25
N GLY A 246 11.70 -7.83 -24.35
CA GLY A 246 10.28 -7.69 -24.71
C GLY A 246 10.08 -7.80 -26.22
N THR A 247 8.92 -8.34 -26.64
CA THR A 247 8.61 -8.58 -28.04
C THR A 247 7.24 -8.05 -28.45
N ARG A 248 6.47 -7.45 -27.54
CA ARG A 248 5.09 -7.10 -27.82
C ARG A 248 4.85 -5.63 -27.54
N PRO A 249 3.79 -5.02 -28.11
CA PRO A 249 3.52 -3.60 -27.89
C PRO A 249 3.08 -3.30 -26.46
N GLU A 250 3.01 -2.01 -26.16
CA GLU A 250 2.79 -1.54 -24.79
C GLU A 250 1.39 -1.93 -24.34
N TRP A 251 0.44 -2.03 -25.28
CA TRP A 251 -0.94 -2.34 -24.97
C TRP A 251 -1.15 -3.84 -24.71
N LEU A 252 -0.07 -4.63 -24.79
CA LEU A 252 -0.07 -6.01 -24.32
C LEU A 252 0.85 -6.21 -23.12
N ALA A 253 1.93 -5.42 -23.06
CA ALA A 253 2.97 -5.61 -22.07
C ALA A 253 3.55 -4.25 -21.72
N ALA A 254 3.18 -3.73 -20.54
CA ALA A 254 3.49 -2.35 -20.19
C ALA A 254 5.00 -2.16 -19.99
N ARG A 255 5.49 -0.93 -20.24
CA ARG A 255 6.89 -0.56 -20.10
C ARG A 255 7.07 0.59 -19.11
N ASP A 256 5.99 1.22 -18.68
CA ASP A 256 6.04 2.23 -17.64
C ASP A 256 5.75 1.59 -16.28
N PHE A 257 6.78 1.54 -15.42
CA PHE A 257 6.73 0.80 -14.18
C PHE A 257 6.49 1.71 -12.98
N THR A 258 6.00 2.93 -13.21
CA THR A 258 5.67 3.85 -12.15
C THR A 258 4.70 3.19 -11.18
N PRO A 259 4.98 3.18 -9.86
CA PRO A 259 4.07 2.60 -8.89
C PRO A 259 2.70 3.27 -8.97
N LEU A 260 1.62 2.48 -8.95
CA LEU A 260 0.27 3.01 -8.90
C LEU A 260 -0.01 3.56 -7.50
N THR A 261 -0.77 4.66 -7.49
CA THR A 261 -1.30 5.29 -6.28
C THR A 261 -2.82 5.24 -6.32
N ALA A 262 -3.45 5.29 -5.15
CA ALA A 262 -4.90 5.09 -5.11
C ALA A 262 -5.62 6.35 -5.55
N LEU A 263 -6.84 6.13 -6.06
CA LEU A 263 -7.77 7.19 -6.43
C LEU A 263 -8.22 7.90 -5.15
N GLN A 264 -8.19 9.24 -5.17
CA GLN A 264 -8.69 10.04 -4.05
C GLN A 264 -9.96 10.77 -4.47
N ALA A 265 -10.81 11.10 -3.49
CA ALA A 265 -12.06 11.80 -3.78
C ALA A 265 -11.75 13.22 -4.28
N THR A 266 -12.46 13.65 -5.32
CA THR A 266 -12.46 15.03 -5.78
C THR A 266 -13.91 15.43 -6.05
N SER A 267 -14.14 16.73 -6.29
CA SER A 267 -15.45 17.28 -6.57
C SER A 267 -15.85 17.09 -8.04
N PHE A 268 -15.03 16.38 -8.83
CA PHE A 268 -15.35 16.10 -10.23
C PHE A 268 -14.63 14.81 -10.68
N GLN B 1 17.95 -6.91 -8.67
CA GLN B 1 18.33 -6.83 -7.23
C GLN B 1 17.03 -7.04 -6.45
N ILE B 2 17.10 -7.10 -5.11
CA ILE B 2 15.96 -7.51 -4.30
C ILE B 2 15.86 -6.70 -3.00
N MET B 3 14.71 -6.03 -2.79
CA MET B 3 14.28 -5.60 -1.45
C MET B 3 13.53 -6.76 -0.81
N GLU B 4 13.51 -6.82 0.52
CA GLU B 4 12.71 -7.82 1.23
C GLU B 4 11.22 -7.47 1.02
N PRO B 5 10.37 -8.46 0.67
CA PRO B 5 8.94 -8.21 0.45
C PRO B 5 8.35 -7.40 1.61
N HIS B 6 7.40 -6.49 1.29
CA HIS B 6 6.78 -5.65 2.31
C HIS B 6 6.22 -6.55 3.42
N ASP B 7 6.55 -6.22 4.68
CA ASP B 7 5.95 -6.85 5.85
C ASP B 7 4.92 -5.90 6.43
N THR B 8 3.84 -6.47 6.94
CA THR B 8 2.80 -5.69 7.60
C THR B 8 2.58 -6.28 8.99
N LEU B 9 1.79 -5.56 9.77
CA LEU B 9 1.51 -5.98 11.12
C LEU B 9 0.50 -7.13 11.08
N SER B 10 0.61 -8.04 12.05
CA SER B 10 -0.38 -9.09 12.26
C SER B 10 -1.70 -8.49 12.75
N PRO B 11 -2.83 -9.21 12.59
CA PRO B 11 -4.11 -8.73 13.15
C PRO B 11 -4.02 -8.42 14.65
N ALA B 12 -3.23 -9.23 15.38
CA ALA B 12 -3.03 -9.04 16.81
C ALA B 12 -2.29 -7.74 17.09
N GLN B 13 -1.25 -7.47 16.29
CA GLN B 13 -0.50 -6.24 16.40
C GLN B 13 -1.37 -5.03 16.08
N VAL B 14 -2.21 -5.15 15.04
CA VAL B 14 -3.12 -4.07 14.67
C VAL B 14 -4.09 -3.81 15.83
N ASP B 15 -4.63 -4.89 16.41
CA ASP B 15 -5.60 -4.78 17.50
C ASP B 15 -4.96 -4.08 18.70
N GLU B 16 -3.73 -4.47 19.01
CA GLU B 16 -2.99 -3.90 20.12
C GLU B 16 -2.74 -2.42 19.87
N TYR B 17 -2.38 -2.07 18.63
CA TYR B 17 -2.18 -0.68 18.27
C TYR B 17 -3.47 0.11 18.45
N ARG B 18 -4.62 -0.41 18.01
CA ARG B 18 -5.85 0.37 18.10
C ARG B 18 -6.30 0.49 19.56
N LYS B 19 -6.13 -0.57 20.35
CA LYS B 19 -6.56 -0.57 21.74
C LYS B 19 -5.69 0.37 22.57
N ASN B 20 -4.37 0.20 22.48
CA ASN B 20 -3.43 0.91 23.34
C ASN B 20 -3.10 2.28 22.76
N GLY B 21 -3.11 2.43 21.43
CA GLY B 21 -2.72 3.68 20.78
C GLY B 21 -1.22 3.76 20.46
N PHE B 22 -0.48 2.68 20.75
CA PHE B 22 0.93 2.57 20.43
C PHE B 22 1.34 1.10 20.33
N LEU B 23 2.52 0.86 19.73
CA LEU B 23 3.05 -0.48 19.49
C LEU B 23 4.56 -0.37 19.20
N VAL B 24 5.37 -1.29 19.75
CA VAL B 24 6.81 -1.33 19.53
C VAL B 24 7.13 -2.52 18.64
N GLN B 25 7.96 -2.29 17.61
CA GLN B 25 8.63 -3.36 16.90
C GLN B 25 10.11 -3.26 17.21
N GLU B 26 10.70 -4.32 17.76
CA GLU B 26 12.12 -4.28 18.11
C GLU B 26 12.98 -4.55 16.90
N HIS B 27 14.18 -3.92 16.87
CA HIS B 27 15.24 -4.30 15.95
C HIS B 27 14.76 -4.26 14.50
N VAL B 28 14.10 -3.17 14.11
CA VAL B 28 13.69 -3.03 12.72
C VAL B 28 14.91 -2.69 11.87
N PHE B 29 15.80 -1.85 12.42
CA PHE B 29 17.03 -1.43 11.76
C PHE B 29 18.20 -2.01 12.53
N ASP B 30 19.26 -2.42 11.84
CA ASP B 30 20.45 -2.98 12.46
C ASP B 30 21.41 -1.86 12.84
N GLU B 31 22.54 -2.25 13.47
CA GLU B 31 23.47 -1.31 14.07
C GLU B 31 24.11 -0.40 13.02
N GLU B 32 24.41 -0.99 11.85
CA GLU B 32 25.08 -0.26 10.81
C GLU B 32 24.11 0.79 10.28
N GLU B 33 22.85 0.40 10.11
CA GLU B 33 21.81 1.31 9.65
C GLU B 33 21.59 2.44 10.66
N ILE B 34 21.53 2.11 11.95
CA ILE B 34 21.38 3.12 12.98
C ILE B 34 22.59 4.05 13.00
N GLU B 35 23.81 3.54 12.78
CA GLU B 35 24.95 4.42 12.79
C GLU B 35 24.84 5.41 11.62
N LEU B 36 24.32 4.97 10.45
CA LEU B 36 24.18 5.87 9.31
C LEU B 36 23.17 6.97 9.64
N LEU B 37 22.06 6.59 10.25
CA LEU B 37 21.03 7.53 10.65
C LEU B 37 21.55 8.49 11.72
N ARG B 38 22.40 7.99 12.63
CA ARG B 38 22.98 8.86 13.64
C ARG B 38 23.88 9.91 12.99
N ALA B 39 24.70 9.51 12.01
CA ALA B 39 25.63 10.43 11.37
C ALA B 39 24.85 11.52 10.62
N GLU B 40 23.78 11.11 9.94
CA GLU B 40 22.97 12.05 9.19
C GLU B 40 22.22 13.00 10.13
N ALA B 41 21.76 12.48 11.26
CA ALA B 41 21.13 13.31 12.28
C ALA B 41 22.08 14.40 12.75
N ALA B 42 23.35 14.02 13.02
CA ALA B 42 24.35 14.98 13.47
C ALA B 42 24.51 16.07 12.42
N GLN B 43 24.59 15.70 11.13
CA GLN B 43 24.73 16.67 10.05
C GLN B 43 23.58 17.67 10.06
N GLU B 44 22.37 17.14 10.24
CA GLU B 44 21.18 17.98 10.25
C GLU B 44 21.22 18.93 11.44
N PHE B 45 21.75 18.50 12.58
CA PHE B 45 21.80 19.38 13.75
C PHE B 45 22.79 20.50 13.49
N ALA B 46 23.87 20.19 12.79
CA ALA B 46 24.96 21.10 12.51
C ALA B 46 24.56 22.11 11.45
N SER B 47 23.77 21.68 10.45
CA SER B 47 23.53 22.48 9.26
C SER B 47 22.10 22.98 9.16
N GLY B 48 21.24 22.68 10.13
CA GLY B 48 19.80 22.89 9.99
C GLY B 48 19.33 24.32 10.22
N GLY B 49 20.20 25.17 10.79
CA GLY B 49 19.93 26.60 10.93
C GLY B 49 18.65 26.85 11.72
N GLU B 50 17.68 27.53 11.09
CA GLU B 50 16.42 27.91 11.70
C GLU B 50 15.53 26.69 12.00
N ARG B 51 15.82 25.53 11.38
CA ARG B 51 15.02 24.32 11.61
C ARG B 51 15.44 23.61 12.91
N VAL B 52 16.51 24.09 13.56
CA VAL B 52 17.03 23.49 14.78
C VAL B 52 16.45 24.24 15.97
N THR B 53 16.00 23.52 17.00
CA THR B 53 15.67 24.10 18.30
C THR B 53 16.77 23.74 19.32
N VAL B 54 16.93 24.60 20.34
CA VAL B 54 17.92 24.37 21.39
C VAL B 54 17.24 24.41 22.76
N GLU B 55 17.87 23.78 23.76
CA GLU B 55 17.32 23.74 25.11
C GLU B 55 17.51 25.11 25.77
N GLN B 56 16.49 25.49 26.55
CA GLN B 56 16.41 26.81 27.14
C GLN B 56 17.53 27.06 28.16
N ASN B 57 17.81 26.06 29.01
CA ASN B 57 18.75 26.19 30.11
C ASN B 57 20.21 26.20 29.63
N THR B 58 20.52 25.36 28.63
CA THR B 58 21.91 25.03 28.31
C THR B 58 22.29 25.48 26.89
N GLY B 59 21.30 25.74 26.02
CA GLY B 59 21.56 26.05 24.63
C GLY B 59 22.00 24.82 23.83
N ILE B 60 21.78 23.64 24.43
CA ILE B 60 22.10 22.35 23.84
C ILE B 60 20.97 22.00 22.87
N VAL B 61 21.34 21.33 21.78
CA VAL B 61 20.40 20.89 20.75
C VAL B 61 19.21 20.16 21.38
N ARG B 62 17.99 20.58 21.02
CA ARG B 62 16.76 19.92 21.45
C ARG B 62 16.11 19.12 20.30
N GLY B 63 16.00 19.76 19.13
CA GLY B 63 15.34 19.12 17.98
C GLY B 63 15.76 19.72 16.63
N VAL B 64 15.57 18.95 15.54
CA VAL B 64 15.69 19.47 14.20
C VAL B 64 14.52 18.93 13.38
N HIS B 65 14.00 19.75 12.46
CA HIS B 65 12.67 19.55 11.86
C HIS B 65 12.71 19.58 10.33
N GLY B 66 11.88 18.73 9.71
CA GLY B 66 11.67 18.73 8.27
C GLY B 66 12.81 18.13 7.47
N CYS B 67 13.64 17.28 8.09
CA CYS B 67 14.87 16.78 7.49
C CYS B 67 14.64 15.99 6.20
N HIS B 68 13.47 15.37 6.04
CA HIS B 68 13.21 14.56 4.85
C HIS B 68 13.14 15.44 3.61
N LEU B 69 12.94 16.76 3.77
CA LEU B 69 12.87 17.68 2.64
C LEU B 69 14.26 18.12 2.22
N TYR B 70 15.28 17.90 3.07
CA TYR B 70 16.61 18.48 2.86
C TYR B 70 17.68 17.39 2.74
N SER B 71 17.40 16.20 3.26
CA SER B 71 18.40 15.13 3.32
C SER B 71 17.95 14.01 2.40
N GLU B 72 18.83 13.52 1.53
CA GLU B 72 18.46 12.43 0.64
C GLU B 72 18.30 11.16 1.47
N VAL B 73 19.10 11.01 2.52
CA VAL B 73 18.99 9.85 3.37
C VAL B 73 17.61 9.84 4.05
N PHE B 74 17.21 10.98 4.63
CA PHE B 74 15.94 10.99 5.35
C PHE B 74 14.78 10.93 4.37
N GLY B 75 14.95 11.48 3.17
CA GLY B 75 13.93 11.41 2.11
C GLY B 75 13.67 9.96 1.69
N ARG B 76 14.72 9.12 1.71
CA ARG B 76 14.58 7.70 1.43
C ARG B 76 14.00 6.96 2.63
N LEU B 77 14.43 7.31 3.85
CA LEU B 77 13.95 6.62 5.04
C LEU B 77 12.44 6.55 5.08
N VAL B 78 11.76 7.68 4.78
CA VAL B 78 10.32 7.74 4.97
C VAL B 78 9.60 6.84 3.95
N ARG B 79 10.31 6.42 2.90
CA ARG B 79 9.81 5.51 1.87
C ARG B 79 10.28 4.07 2.14
N SER B 80 10.90 3.82 3.28
CA SER B 80 11.47 2.52 3.58
C SER B 80 10.39 1.44 3.56
N PRO B 81 10.69 0.23 3.01
CA PRO B 81 9.77 -0.90 3.08
C PRO B 81 9.55 -1.41 4.50
N ARG B 82 10.37 -0.96 5.46
CA ARG B 82 10.16 -1.29 6.85
C ARG B 82 9.12 -0.36 7.50
N LEU B 83 8.73 0.71 6.81
CA LEU B 83 7.87 1.73 7.42
C LEU B 83 6.60 1.96 6.62
N LEU B 84 6.73 2.29 5.34
CA LEU B 84 5.67 2.81 4.52
C LEU B 84 4.50 1.82 4.44
N PRO B 85 4.72 0.52 4.23
CA PRO B 85 3.61 -0.45 4.18
C PRO B 85 2.79 -0.47 5.46
N ILE B 86 3.45 -0.28 6.61
CA ILE B 86 2.70 -0.31 7.86
C ILE B 86 1.90 0.98 8.05
N ALA B 87 2.47 2.13 7.64
CA ALA B 87 1.73 3.38 7.69
C ALA B 87 0.47 3.30 6.85
N ARG B 88 0.60 2.72 5.64
CA ARG B 88 -0.53 2.55 4.75
C ARG B 88 -1.59 1.62 5.35
N GLN B 89 -1.14 0.50 5.91
CA GLN B 89 -2.01 -0.46 6.59
C GLN B 89 -2.80 0.20 7.74
N LEU B 90 -2.11 0.89 8.64
CA LEU B 90 -2.77 1.44 9.81
C LEU B 90 -3.71 2.59 9.46
N LEU B 91 -3.33 3.45 8.50
CA LEU B 91 -4.17 4.58 8.14
C LEU B 91 -5.13 4.22 7.01
N ARG B 92 -4.99 3.00 6.44
CA ARG B 92 -5.90 2.47 5.43
C ARG B 92 -6.01 3.45 4.27
N ASP B 93 -4.86 3.94 3.81
CA ASP B 93 -4.85 4.87 2.70
C ASP B 93 -3.42 4.90 2.15
N ASP B 94 -3.26 5.58 1.03
CA ASP B 94 -1.95 6.14 0.72
C ASP B 94 -1.65 7.22 1.75
N VAL B 95 -0.34 7.45 1.93
CA VAL B 95 0.15 8.35 2.96
C VAL B 95 1.23 9.26 2.43
N TYR B 96 1.47 10.34 3.19
CA TYR B 96 2.55 11.29 2.98
C TYR B 96 3.07 11.72 4.35
N VAL B 97 4.20 12.42 4.37
CA VAL B 97 4.78 12.86 5.64
C VAL B 97 4.24 14.24 5.99
N HIS B 98 3.53 14.35 7.12
CA HIS B 98 3.09 15.65 7.59
C HIS B 98 4.24 16.40 8.26
N GLN B 99 5.01 15.66 9.06
CA GLN B 99 6.06 16.26 9.87
C GLN B 99 7.15 15.23 10.10
N PHE B 100 8.40 15.71 10.20
CA PHE B 100 9.58 14.91 10.49
C PHE B 100 10.40 15.66 11.53
N LYS B 101 10.79 14.98 12.61
CA LYS B 101 11.70 15.62 13.56
C LYS B 101 12.60 14.59 14.23
N ILE B 102 13.78 15.07 14.59
CA ILE B 102 14.75 14.34 15.39
C ILE B 102 14.83 15.05 16.74
N ASN B 103 14.37 14.39 17.80
CA ASN B 103 14.44 14.91 19.16
C ASN B 103 15.61 14.25 19.88
N ALA B 104 16.59 15.07 20.24
CA ALA B 104 17.89 14.61 20.71
C ALA B 104 17.85 14.02 22.12
N LYS B 105 17.05 14.62 23.01
CA LYS B 105 16.98 14.23 24.42
C LYS B 105 18.36 13.77 24.92
N ARG B 106 19.28 14.74 24.98
CA ARG B 106 20.68 14.48 25.31
C ARG B 106 20.81 14.04 26.77
N ALA B 107 21.84 13.20 27.03
CA ALA B 107 22.25 12.87 28.37
C ALA B 107 22.37 14.15 29.20
N PHE B 108 22.01 14.04 30.49
CA PHE B 108 22.27 15.04 31.52
C PHE B 108 21.32 16.22 31.36
N LYS B 109 21.23 16.81 30.16
CA LYS B 109 20.66 18.14 30.01
C LYS B 109 19.39 18.16 29.12
N GLY B 110 18.92 16.98 28.69
CA GLY B 110 17.72 16.92 27.84
C GLY B 110 16.47 17.27 28.65
N GLU B 111 15.60 18.14 28.11
CA GLU B 111 14.50 18.70 28.88
C GLU B 111 13.15 18.05 28.56
N VAL B 112 12.19 18.35 29.43
CA VAL B 112 10.86 17.74 29.47
C VAL B 112 10.15 17.94 28.13
N TRP B 113 9.26 16.99 27.82
CA TRP B 113 8.12 17.21 26.94
C TRP B 113 6.85 17.06 27.76
N GLU B 114 6.09 18.18 27.91
CA GLU B 114 4.86 18.19 28.70
C GLU B 114 3.83 17.29 28.02
N TRP B 115 2.83 16.87 28.80
CA TRP B 115 1.73 16.06 28.30
C TRP B 115 1.02 16.79 27.16
N HIS B 116 0.78 16.06 26.06
CA HIS B 116 0.05 16.61 24.92
C HIS B 116 -0.49 15.49 24.03
N GLN B 117 -1.42 15.88 23.17
CA GLN B 117 -1.83 15.10 22.02
C GLN B 117 -1.34 15.84 20.78
N ASP B 118 -0.70 15.10 19.86
CA ASP B 118 -0.09 15.72 18.69
C ASP B 118 -1.17 16.33 17.79
N TYR B 119 -2.32 15.65 17.69
CA TYR B 119 -3.38 16.07 16.79
C TYR B 119 -3.86 17.48 17.13
N THR B 120 -3.88 17.81 18.42
CA THR B 120 -4.34 19.11 18.88
C THR B 120 -3.56 20.21 18.16
N PHE B 121 -2.25 20.03 18.02
CA PHE B 121 -1.40 21.00 17.32
C PHE B 121 -1.68 20.96 15.82
N TRP B 122 -1.76 19.76 15.26
CA TRP B 122 -1.89 19.61 13.82
C TRP B 122 -3.25 20.13 13.37
N HIS B 123 -4.30 19.86 14.16
CA HIS B 123 -5.63 20.39 13.88
C HIS B 123 -5.62 21.92 13.94
N HIS B 124 -5.22 22.50 15.08
CA HIS B 124 -5.38 23.93 15.29
C HIS B 124 -4.32 24.75 14.57
N GLU B 125 -3.09 24.23 14.42
CA GLU B 125 -2.03 25.00 13.78
C GLU B 125 -1.98 24.77 12.27
N ASP B 126 -2.31 23.55 11.83
CA ASP B 126 -1.99 23.12 10.48
C ASP B 126 -3.24 22.84 9.66
N GLY B 127 -4.42 22.72 10.30
CA GLY B 127 -5.67 22.50 9.60
C GLY B 127 -5.91 21.02 9.25
N MET B 128 -5.37 20.11 10.06
CA MET B 128 -5.62 18.69 9.84
C MET B 128 -7.04 18.40 10.29
N PRO B 129 -7.93 17.95 9.38
CA PRO B 129 -9.35 17.85 9.71
C PRO B 129 -9.75 16.70 10.63
N ALA B 130 -9.01 15.59 10.60
CA ALA B 130 -9.32 14.47 11.48
C ALA B 130 -8.03 13.88 12.00
N PRO B 131 -8.06 13.07 13.09
CA PRO B 131 -6.85 12.45 13.61
C PRO B 131 -6.42 11.16 12.90
N ARG B 132 -6.46 11.15 11.55
CA ARG B 132 -6.15 9.95 10.79
C ARG B 132 -4.67 10.03 10.38
N ALA B 133 -3.82 9.95 11.40
CA ALA B 133 -2.38 10.13 11.29
C ALA B 133 -1.68 9.38 12.41
N LEU B 134 -0.39 9.13 12.23
CA LEU B 134 0.39 8.43 13.24
C LEU B 134 1.86 8.83 13.14
N SER B 135 2.61 8.51 14.18
CA SER B 135 4.04 8.75 14.19
C SER B 135 4.78 7.43 14.37
N ALA B 136 5.92 7.33 13.67
CA ALA B 136 6.88 6.25 13.87
C ALA B 136 8.12 6.86 14.49
N ALA B 137 8.48 6.39 15.69
CA ALA B 137 9.69 6.87 16.36
C ALA B 137 10.75 5.79 16.30
N ILE B 138 11.87 6.10 15.64
CA ILE B 138 13.01 5.21 15.52
C ILE B 138 13.99 5.51 16.63
N PHE B 139 14.38 4.48 17.36
CA PHE B 139 15.33 4.59 18.47
C PHE B 139 16.77 4.58 17.96
N LEU B 140 17.45 5.72 18.07
CA LEU B 140 18.87 5.82 17.73
C LEU B 140 19.73 5.38 18.91
N ASP B 141 19.09 5.25 20.08
CA ASP B 141 19.72 4.77 21.29
C ASP B 141 18.75 3.83 21.99
N GLU B 142 19.29 2.89 22.77
CA GLU B 142 18.43 2.07 23.61
C GLU B 142 17.56 3.00 24.44
N VAL B 143 16.25 2.68 24.51
CA VAL B 143 15.34 3.40 25.40
C VAL B 143 15.12 2.57 26.66
N THR B 144 15.40 3.18 27.81
CA THR B 144 15.29 2.52 29.11
C THR B 144 14.35 3.34 29.98
N GLU B 145 14.19 2.85 31.20
CA GLU B 145 13.50 3.52 32.28
C GLU B 145 14.12 4.88 32.60
N PHE B 146 15.42 5.09 32.35
CA PHE B 146 16.19 6.14 33.01
C PHE B 146 16.61 7.25 32.06
N ASN B 147 16.35 7.14 30.75
CA ASN B 147 16.82 8.16 29.83
C ASN B 147 15.64 8.90 29.17
N GLY B 148 14.60 9.13 29.98
CA GLY B 148 13.51 10.02 29.60
C GLY B 148 12.64 9.43 28.50
N PRO B 149 12.13 8.19 28.67
CA PRO B 149 11.40 7.50 27.61
C PRO B 149 10.08 8.19 27.32
N LEU B 150 9.65 8.09 26.06
CA LEU B 150 8.32 8.51 25.67
C LEU B 150 7.32 7.68 26.46
N THR B 151 6.36 8.40 27.07
CA THR B 151 5.41 7.80 28.00
C THR B 151 3.98 8.14 27.56
N PHE B 152 3.11 7.14 27.61
CA PHE B 152 1.75 7.25 27.11
C PHE B 152 0.75 6.94 28.21
N VAL B 153 -0.47 7.45 28.04
CA VAL B 153 -1.64 6.91 28.71
C VAL B 153 -2.29 5.93 27.73
N PRO B 154 -2.21 4.60 27.97
CA PRO B 154 -2.76 3.63 27.04
C PRO B 154 -4.27 3.77 26.95
N GLY B 155 -4.79 3.74 25.72
CA GLY B 155 -6.22 3.87 25.49
C GLY B 155 -6.68 5.33 25.60
N GLY B 156 -5.73 6.24 25.81
CA GLY B 156 -6.04 7.64 26.08
C GLY B 156 -6.50 8.40 24.83
N HIS B 157 -6.41 7.73 23.67
CA HIS B 157 -6.78 8.32 22.39
C HIS B 157 -8.27 8.15 22.13
N GLY B 158 -8.95 7.34 22.96
CA GLY B 158 -10.33 6.93 22.73
C GLY B 158 -11.35 8.02 23.01
N SER B 159 -10.93 9.12 23.65
CA SER B 159 -11.80 10.25 23.94
C SER B 159 -11.78 11.27 22.79
N GLY B 160 -10.75 11.20 21.94
CA GLY B 160 -10.51 12.22 20.93
C GLY B 160 -9.74 13.40 21.51
N MET B 161 -9.80 14.54 20.80
CA MET B 161 -9.12 15.77 21.20
C MET B 161 -9.64 16.23 22.55
N ILE B 162 -8.71 16.59 23.44
CA ILE B 162 -9.04 16.93 24.81
C ILE B 162 -8.77 18.42 25.02
N ASP B 163 -9.58 19.05 25.88
CA ASP B 163 -9.47 20.48 26.17
C ASP B 163 -8.04 20.80 26.62
N ALA B 164 -7.47 21.85 26.02
CA ALA B 164 -6.11 22.28 26.28
C ALA B 164 -6.09 23.82 26.27
N ASP B 165 -5.39 24.42 27.24
CA ASP B 165 -5.19 25.85 27.22
C ASP B 165 -4.20 26.20 26.11
N VAL B 166 -4.53 27.27 25.40
CA VAL B 166 -3.64 27.87 24.43
C VAL B 166 -2.86 28.97 25.14
N LYS B 167 -1.58 29.11 24.76
CA LYS B 167 -0.67 30.05 25.40
C LYS B 167 0.16 30.72 24.31
N GLY B 168 -0.21 31.97 24.00
CA GLY B 168 0.50 32.81 23.04
C GLY B 168 0.13 32.46 21.60
N GLU B 169 0.02 33.48 20.74
CA GLU B 169 -0.12 33.25 19.30
C GLU B 169 1.26 32.91 18.74
N GLY B 170 1.31 32.67 17.43
CA GLY B 170 2.54 32.20 16.79
C GLY B 170 2.77 30.72 17.09
N TRP B 171 3.92 30.20 16.64
CA TRP B 171 4.19 28.77 16.71
C TRP B 171 5.53 28.46 17.37
N ALA B 172 6.32 29.47 17.75
CA ALA B 172 7.63 29.25 18.36
C ALA B 172 7.52 28.24 19.52
N ASN B 173 6.45 28.37 20.32
CA ASN B 173 6.21 27.57 21.51
C ASN B 173 5.47 26.25 21.22
N THR B 174 5.45 25.79 19.95
CA THR B 174 4.98 24.45 19.62
C THR B 174 6.11 23.41 19.76
N LEU B 175 7.37 23.88 19.84
CA LEU B 175 8.53 23.01 19.87
C LEU B 175 9.28 23.10 21.19
N THR B 176 8.73 23.81 22.19
CA THR B 176 9.49 24.20 23.39
C THR B 176 9.04 23.40 24.62
N ALA B 177 9.90 23.42 25.65
CA ALA B 177 9.65 22.71 26.90
C ALA B 177 8.30 23.13 27.48
N SER B 178 8.00 24.44 27.36
CA SER B 178 6.68 24.98 27.68
C SER B 178 5.81 25.01 26.42
N LEU B 179 4.79 24.14 26.37
CA LEU B 179 4.04 23.88 25.14
C LEU B 179 2.81 24.77 25.02
N LYS B 180 2.46 25.12 23.77
CA LYS B 180 1.32 25.99 23.48
C LYS B 180 0.01 25.33 23.94
N TYR B 181 -0.14 24.01 23.74
CA TYR B 181 -1.31 23.28 24.20
C TYR B 181 -0.88 22.16 25.15
N SER B 182 -0.99 22.41 26.45
CA SER B 182 -0.79 21.36 27.43
C SER B 182 -2.11 21.03 28.09
N LEU B 183 -2.18 19.85 28.72
CA LEU B 183 -3.42 19.35 29.32
C LEU B 183 -3.48 19.76 30.80
N VAL B 185 -3.58 19.78 34.05
CA VAL B 185 -3.06 19.21 35.33
C VAL B 185 -4.11 18.28 35.94
N GLU B 186 -5.39 18.70 35.86
CA GLU B 186 -6.49 17.97 36.44
C GLU B 186 -7.00 16.92 35.47
N THR B 187 -7.08 17.30 34.19
CA THR B 187 -7.53 16.41 33.14
C THR B 187 -6.61 15.18 33.09
N MET B 188 -5.30 15.43 33.26
CA MET B 188 -4.31 14.37 33.16
C MET B 188 -4.44 13.40 34.35
N ARG B 189 -4.58 13.97 35.55
CA ARG B 189 -4.69 13.17 36.77
C ARG B 189 -5.79 12.13 36.58
N GLY B 190 -6.97 12.58 36.10
CA GLY B 190 -8.08 11.68 35.85
C GLY B 190 -7.73 10.57 34.87
N LEU B 191 -7.12 10.96 33.74
CA LEU B 191 -6.73 10.01 32.71
C LEU B 191 -5.81 8.93 33.27
N ILE B 192 -4.79 9.39 34.01
CA ILE B 192 -3.79 8.51 34.57
C ILE B 192 -4.42 7.62 35.64
N GLU B 193 -5.30 8.20 36.46
CA GLU B 193 -5.96 7.43 37.50
C GLU B 193 -6.79 6.34 36.85
N ARG B 194 -7.39 6.63 35.70
CA ARG B 194 -8.26 5.66 35.05
C ARG B 194 -7.45 4.64 34.26
N ASN B 195 -6.44 5.09 33.48
CA ASN B 195 -5.84 4.22 32.47
C ASN B 195 -4.39 3.83 32.80
N GLY B 196 -3.71 4.61 33.66
CA GLY B 196 -2.31 4.37 33.96
C GLY B 196 -1.38 5.01 32.94
N MET B 197 -0.12 4.62 33.00
CA MET B 197 0.96 5.20 32.22
C MET B 197 1.85 4.02 31.79
N VAL B 198 2.43 4.11 30.58
CA VAL B 198 3.36 3.11 30.07
C VAL B 198 4.44 3.82 29.26
N ALA B 199 5.68 3.42 29.50
CA ALA B 199 6.84 3.92 28.79
C ALA B 199 7.48 2.73 28.07
N PRO B 200 7.15 2.48 26.79
CA PRO B 200 7.72 1.36 26.05
C PRO B 200 9.24 1.47 25.99
N LYS B 201 9.92 0.34 26.19
CA LYS B 201 11.37 0.24 26.12
C LYS B 201 11.75 -0.49 24.84
N GLY B 202 13.04 -0.42 24.49
CA GLY B 202 13.52 -1.17 23.35
C GLY B 202 14.96 -0.84 23.00
N PRO B 203 15.64 -1.76 22.30
CA PRO B 203 17.00 -1.55 21.87
C PRO B 203 17.04 -0.57 20.70
N ARG B 204 18.25 -0.08 20.41
CA ARG B 204 18.56 0.64 19.18
C ARG B 204 17.91 -0.04 17.98
N GLY B 205 17.33 0.77 17.11
CA GLY B 205 16.78 0.25 15.85
C GLY B 205 15.33 -0.20 15.97
N SER B 206 14.76 -0.08 17.17
CA SER B 206 13.35 -0.35 17.36
C SER B 206 12.54 0.81 16.76
N VAL B 207 11.27 0.52 16.47
CA VAL B 207 10.32 1.50 15.99
C VAL B 207 9.11 1.48 16.90
N LEU B 208 8.79 2.66 17.45
CA LEU B 208 7.59 2.85 18.25
C LEU B 208 6.53 3.61 17.43
N TRP B 209 5.40 2.95 17.16
CA TRP B 209 4.29 3.54 16.41
C TRP B 209 3.29 4.11 17.40
N PHE B 210 2.79 5.34 17.18
CA PHE B 210 1.74 5.83 18.06
C PHE B 210 0.76 6.79 17.36
N ASP B 211 -0.48 6.75 17.89
CA ASP B 211 -1.64 7.44 17.36
C ASP B 211 -1.53 8.95 17.52
N ALA B 212 -2.09 9.69 16.55
CA ALA B 212 -2.08 11.15 16.56
C ALA B 212 -2.75 11.70 17.81
N ASN B 213 -3.65 10.93 18.45
CA ASN B 213 -4.46 11.46 19.53
C ASN B 213 -4.11 10.85 20.89
N ILE B 214 -3.07 10.01 20.98
CA ILE B 214 -2.77 9.43 22.28
C ILE B 214 -1.99 10.45 23.12
N PRO B 215 -2.32 10.65 24.40
CA PRO B 215 -1.56 11.56 25.26
C PRO B 215 -0.19 10.98 25.58
N HIS B 216 0.85 11.80 25.45
CA HIS B 216 2.20 11.33 25.70
C HIS B 216 3.02 12.46 26.31
N SER B 217 4.15 12.04 26.88
CA SER B 217 5.04 12.87 27.67
C SER B 217 6.43 12.25 27.71
N SER B 218 7.42 13.03 28.16
CA SER B 218 8.68 12.45 28.58
C SER B 218 9.34 13.34 29.65
N VAL B 219 10.01 12.72 30.62
CA VAL B 219 10.63 13.49 31.68
C VAL B 219 12.04 13.90 31.25
N PRO B 220 12.71 14.85 31.94
CA PRO B 220 14.08 15.20 31.61
C PRO B 220 15.03 14.01 31.63
N ASN B 221 16.04 14.06 30.75
CA ASN B 221 17.08 13.04 30.68
C ASN B 221 18.26 13.60 31.46
N ILE B 222 18.45 13.03 32.65
CA ILE B 222 19.56 13.39 33.53
C ILE B 222 20.58 12.24 33.54
N SER B 223 20.29 11.15 32.83
CA SER B 223 21.16 9.99 32.76
C SER B 223 22.43 10.37 31.99
N PRO B 224 23.46 9.51 32.00
CA PRO B 224 24.62 9.73 31.13
C PRO B 224 24.40 9.26 29.70
N PHE B 225 23.16 8.89 29.35
CA PHE B 225 22.88 8.23 28.08
C PHE B 225 21.90 9.04 27.26
N ASP B 226 22.26 9.32 25.99
CA ASP B 226 21.39 10.02 25.07
C ASP B 226 20.18 9.14 24.72
N ARG B 227 19.09 9.81 24.30
CA ARG B 227 17.91 9.10 23.84
C ARG B 227 17.43 9.74 22.52
N GLY B 228 18.20 9.54 21.45
CA GLY B 228 17.86 10.10 20.15
C GLY B 228 16.67 9.37 19.52
N LEU B 229 15.63 10.12 19.12
CA LEU B 229 14.46 9.59 18.43
C LEU B 229 14.31 10.28 17.09
N VAL B 230 14.13 9.51 16.01
CA VAL B 230 13.69 10.05 14.73
C VAL B 230 12.18 9.81 14.62
N LEU B 231 11.39 10.89 14.58
CA LEU B 231 9.92 10.79 14.55
C LEU B 231 9.39 11.18 13.17
N ILE B 232 8.73 10.22 12.52
CA ILE B 232 8.13 10.42 11.22
C ILE B 232 6.62 10.39 11.38
N THR B 233 5.96 11.50 11.07
CA THR B 233 4.51 11.58 11.15
C THR B 233 3.96 11.36 9.73
N TYR B 234 3.25 10.25 9.58
CA TYR B 234 2.52 9.91 8.38
C TYR B 234 1.07 10.36 8.50
N ASN B 235 0.55 10.99 7.45
CA ASN B 235 -0.86 11.36 7.37
C ASN B 235 -1.50 10.69 6.15
N SER B 236 -2.77 10.27 6.31
CA SER B 236 -3.62 9.83 5.21
C SER B 236 -3.70 10.95 4.17
N VAL B 237 -3.56 10.60 2.88
CA VAL B 237 -3.67 11.58 1.79
C VAL B 237 -5.08 12.18 1.75
N GLU B 238 -6.11 11.36 1.98
CA GLU B 238 -7.49 11.86 2.04
C GLU B 238 -7.61 12.89 3.17
N ASN B 239 -6.85 12.67 4.24
CA ASN B 239 -6.84 13.51 5.42
C ASN B 239 -5.84 14.66 5.27
N LYS B 240 -5.46 15.01 4.03
CA LYS B 240 -4.53 16.10 3.83
C LYS B 240 -5.04 17.33 4.57
N THR B 241 -4.09 18.17 5.00
CA THR B 241 -4.42 19.34 5.79
C THR B 241 -4.93 20.44 4.87
N ASP B 242 -5.82 21.27 5.43
CA ASP B 242 -6.35 22.45 4.77
C ASP B 242 -5.30 23.56 4.85
N VAL B 243 -4.54 23.73 3.77
CA VAL B 243 -3.43 24.68 3.74
C VAL B 243 -3.94 26.12 3.84
N THR B 244 -5.23 26.35 3.53
CA THR B 244 -5.94 27.61 3.78
C THR B 244 -5.86 28.01 5.26
N ARG B 245 -5.89 27.01 6.14
CA ARG B 245 -5.92 27.21 7.58
C ARG B 245 -4.54 26.96 8.21
N GLY B 246 -3.51 26.81 7.38
CA GLY B 246 -2.15 26.55 7.86
C GLY B 246 -1.46 27.83 8.33
N THR B 247 -0.58 27.72 9.33
CA THR B 247 0.09 28.86 9.94
C THR B 247 1.61 28.67 10.08
N ARG B 248 2.15 27.52 9.66
CA ARG B 248 3.54 27.19 9.97
C ARG B 248 4.28 26.89 8.68
N PRO B 249 5.62 26.95 8.66
CA PRO B 249 6.39 26.63 7.46
C PRO B 249 6.32 25.15 7.09
N GLU B 250 6.82 24.87 5.87
CA GLU B 250 6.74 23.56 5.24
C GLU B 250 7.48 22.53 6.08
N TRP B 251 8.56 22.96 6.74
CA TRP B 251 9.42 22.08 7.50
C TRP B 251 8.83 21.74 8.87
N LEU B 252 7.63 22.28 9.18
CA LEU B 252 6.84 21.81 10.31
C LEU B 252 5.54 21.12 9.86
N ALA B 253 4.99 21.56 8.72
CA ALA B 253 3.68 21.10 8.27
C ALA B 253 3.69 21.06 6.75
N ALA B 254 3.75 19.84 6.18
CA ALA B 254 3.97 19.67 4.75
C ALA B 254 2.78 20.21 3.95
N ARG B 255 3.05 20.61 2.70
CA ARG B 255 2.06 21.12 1.76
C ARG B 255 1.97 20.25 0.50
N ASP B 256 2.97 19.39 0.28
CA ASP B 256 2.95 18.48 -0.86
C ASP B 256 2.36 17.13 -0.43
N PHE B 257 1.18 16.81 -0.97
CA PHE B 257 0.41 15.66 -0.52
C PHE B 257 0.55 14.48 -1.50
N THR B 258 1.61 14.48 -2.31
CA THR B 258 1.86 13.40 -3.26
C THR B 258 1.97 12.10 -2.48
N PRO B 259 1.22 11.04 -2.86
CA PRO B 259 1.33 9.76 -2.16
C PRO B 259 2.76 9.23 -2.23
N LEU B 260 3.27 8.75 -1.08
CA LEU B 260 4.58 8.12 -1.06
C LEU B 260 4.53 6.74 -1.70
N THR B 261 5.64 6.40 -2.36
CA THR B 261 5.89 5.09 -2.95
C THR B 261 7.12 4.45 -2.31
N ALA B 262 7.19 3.12 -2.33
CA ALA B 262 8.27 2.45 -1.62
C ALA B 262 9.59 2.57 -2.40
N LEU B 263 10.70 2.51 -1.65
CA LEU B 263 12.03 2.41 -2.22
C LEU B 263 12.15 1.05 -2.92
N GLN B 264 12.68 1.08 -4.14
CA GLN B 264 13.01 -0.14 -4.86
C GLN B 264 14.53 -0.29 -4.93
N ALA B 265 14.98 -1.54 -5.06
CA ALA B 265 16.40 -1.83 -5.17
C ALA B 265 16.95 -1.24 -6.48
N THR B 266 18.12 -0.61 -6.39
CA THR B 266 18.90 -0.18 -7.54
C THR B 266 20.34 -0.60 -7.29
N SER B 267 21.18 -0.47 -8.32
CA SER B 267 22.60 -0.78 -8.24
C SER B 267 23.41 0.36 -7.62
N PHE B 268 22.74 1.41 -7.15
CA PHE B 268 23.42 2.54 -6.50
C PHE B 268 22.47 3.23 -5.53
FE FE C . -5.24 -16.66 -19.18
C1 AKG D . -6.72 -15.05 -20.88
O1 AKG D . -7.06 -14.13 -21.68
O2 AKG D . -5.52 -15.28 -20.59
C2 AKG D . -7.64 -15.82 -20.35
O5 AKG D . -7.29 -16.80 -19.71
C3 AKG D . -9.12 -15.52 -20.40
C4 AKG D . -10.05 -16.70 -20.67
C5 AKG D . -11.53 -16.34 -20.65
O3 AKG D . -11.87 -15.14 -20.81
O4 AKG D . -12.36 -17.27 -20.45
N PRO E . -3.10 -14.29 -23.53
CA PRO E . -2.43 -13.37 -22.58
C PRO E . -1.06 -12.91 -23.12
O PRO E . -0.78 -13.21 -24.26
CB PRO E . -2.29 -14.18 -21.28
CG PRO E . -2.24 -15.62 -21.78
CD PRO E . -3.18 -15.65 -22.97
OXT PRO E . -0.34 -12.29 -22.37
FE FE F . 4.17 14.62 20.56
C1 AKG G . 6.71 15.52 20.07
O1 AKG G . 5.52 15.74 19.78
O2 AKG G . 7.70 16.17 19.60
C2 AKG G . 6.89 14.53 20.91
O5 AKG G . 5.89 13.98 21.38
C3 AKG G . 8.26 13.99 21.26
C4 AKG G . 8.51 13.74 22.73
C5 AKG G . 9.86 13.10 23.08
O3 AKG G . 9.96 12.53 24.20
O4 AKG G . 10.80 13.17 22.27
N PRO H . 5.46 19.59 18.47
CA PRO H . 4.87 19.09 17.22
C PRO H . 4.06 20.17 16.50
O PRO H . 3.36 19.79 15.57
CB PRO H . 3.94 17.94 17.64
CG PRO H . 3.49 18.34 19.01
CD PRO H . 4.70 19.05 19.60
OXT PRO H . 4.16 21.32 16.93
#